data_8TUQ
#
_entry.id   8TUQ
#
_cell.length_a   78.268
_cell.length_b   89.803
_cell.length_c   100.655
_cell.angle_alpha   90.000
_cell.angle_beta   90.000
_cell.angle_gamma   90.000
#
_symmetry.space_group_name_H-M   'P 21 21 21'
#
loop_
_entity.id
_entity.type
_entity.pdbx_description
1 polymer 'Importin subunit alpha-1'
2 polymer 'Large T antigen'
3 water water
#
loop_
_entity_poly.entity_id
_entity_poly.type
_entity_poly.pdbx_seq_one_letter_code
_entity_poly.pdbx_strand_id
1 'polypeptide(L)'
;MHHHHHHSSGLVPRGSGMLETAAALFERNHMDSPDLGTDDDDLAMADIGSNQGTVNWSVEDIVKGINSNNLESQLQATQA
ARKLLSREKQPPIDNIIRAGLIPKFVSFLGKTDCSPIQFESAWALTNIASGTSEQTKAVVDGGAIPAFISLLASPHAHIS
EQAVWALGNIAGDGSAFRDLVIKHGAIDPLLALLAVPDLSTLACGYLRNLTWTLSNLCRNKNPAPPLDAVEQILPTLVRL
LHHNDPEVLADSCWAISYLTDGPNERIEMVVKKGVVPQLVKLLGATELPIVTPALRAIGNIVTGTDEQTQKVIDAGALAV
FPSLLTNPKTNIQKEATWTMSNITAGRQDQIQQVVNHGLVPFLVGVLSKADFKTQKEAAWAITNYTSGGTVEQIVYLVHC
GIIEPLMNLLSAKDTKIIQVILDAISNIFQAAEKLGETEKLSIMIEECGGLDKIEALQRHENESVYKASLNLIEKYFSVE
EEEDQNVVPETTSEGFAFQVQDGAPGTFNF
;
A
2 'polypeptide(L)' KRKFPDSSTQNSTPPKKNKPA B
#
# COMPACT_ATOMS: atom_id res chain seq x y z
N GLY A 53 -22.08 9.68 35.62
CA GLY A 53 -23.39 9.56 34.98
C GLY A 53 -23.54 8.19 34.32
N THR A 54 -23.08 8.09 33.07
CA THR A 54 -22.86 6.79 32.44
C THR A 54 -21.37 6.41 32.42
N VAL A 55 -20.56 7.01 33.30
CA VAL A 55 -19.12 6.82 33.28
C VAL A 55 -18.74 5.70 34.26
N ASN A 56 -17.89 4.78 33.81
CA ASN A 56 -17.28 3.75 34.65
C ASN A 56 -18.29 2.75 35.20
N TRP A 57 -19.33 2.44 34.43
CA TRP A 57 -20.19 1.35 34.85
C TRP A 57 -19.43 0.05 34.78
N SER A 58 -19.84 -0.89 35.62
CA SER A 58 -19.39 -2.25 35.50
C SER A 58 -20.16 -2.94 34.37
N VAL A 59 -19.56 -4.00 33.83
CA VAL A 59 -20.25 -4.76 32.80
C VAL A 59 -21.53 -5.34 33.36
N GLU A 60 -21.52 -5.73 34.63
CA GLU A 60 -22.72 -6.26 35.28
C GLU A 60 -23.86 -5.23 35.26
N ASP A 61 -23.55 -3.98 35.52
CA ASP A 61 -24.58 -2.95 35.52
C ASP A 61 -25.09 -2.69 34.10
N ILE A 62 -24.18 -2.64 33.12
CA ILE A 62 -24.59 -2.50 31.73
C ILE A 62 -25.55 -3.59 31.37
N VAL A 63 -25.26 -4.83 31.80
CA VAL A 63 -26.13 -5.94 31.46
C VAL A 63 -27.50 -5.77 32.10
N LYS A 64 -27.50 -5.36 33.36
CA LYS A 64 -28.77 -5.17 34.04
C LYS A 64 -29.62 -4.13 33.32
N GLY A 65 -29.00 -3.02 32.90
CA GLY A 65 -29.76 -1.99 32.18
C GLY A 65 -30.26 -2.44 30.83
N ILE A 66 -29.40 -3.11 30.05
CA ILE A 66 -29.83 -3.55 28.72
C ILE A 66 -30.91 -4.60 28.82
N ASN A 67 -30.90 -5.43 29.87
CA ASN A 67 -31.94 -6.43 30.02
C ASN A 67 -33.20 -5.91 30.68
N SER A 68 -33.25 -4.65 31.11
CA SER A 68 -34.49 -4.10 31.61
C SER A 68 -35.49 -4.01 30.49
N ASN A 69 -36.76 -3.89 30.84
CA ASN A 69 -37.75 -3.68 29.78
C ASN A 69 -38.06 -2.21 29.61
N ASN A 70 -37.01 -1.40 29.58
CA ASN A 70 -37.15 0.06 29.62
C ASN A 70 -36.18 0.64 28.62
N LEU A 71 -36.73 1.17 27.53
CA LEU A 71 -35.90 1.73 26.47
C LEU A 71 -34.91 2.77 26.98
N GLU A 72 -35.35 3.67 27.87
CA GLU A 72 -34.40 4.68 28.38
C GLU A 72 -33.33 4.04 29.26
N SER A 73 -33.69 3.06 30.08
CA SER A 73 -32.65 2.34 30.81
C SER A 73 -31.68 1.64 29.85
N GLN A 74 -32.20 1.06 28.77
CA GLN A 74 -31.35 0.42 27.78
C GLN A 74 -30.42 1.42 27.13
N LEU A 75 -30.93 2.61 26.83
CA LEU A 75 -30.12 3.64 26.22
C LEU A 75 -29.00 4.06 27.15
N GLN A 76 -29.32 4.27 28.42
CA GLN A 76 -28.28 4.70 29.35
C GLN A 76 -27.21 3.63 29.49
N ALA A 77 -27.62 2.37 29.58
CA ALA A 77 -26.64 1.31 29.69
C ALA A 77 -25.80 1.17 28.41
N THR A 78 -26.41 1.38 27.24
CA THR A 78 -25.67 1.31 25.98
C THR A 78 -24.66 2.44 25.89
N GLN A 79 -25.07 3.64 26.27
CA GLN A 79 -24.11 4.72 26.34
C GLN A 79 -22.97 4.40 27.30
N ALA A 80 -23.28 3.82 28.47
CA ALA A 80 -22.21 3.42 29.38
C ALA A 80 -21.26 2.41 28.74
N ALA A 81 -21.80 1.43 28.01
CA ALA A 81 -20.95 0.51 27.25
C ALA A 81 -20.09 1.24 26.24
N ARG A 82 -20.68 2.17 25.50
CA ARG A 82 -19.93 2.96 24.53
C ARG A 82 -18.76 3.66 25.20
N LYS A 83 -18.99 4.18 26.39
CA LYS A 83 -17.91 4.89 27.09
C LYS A 83 -16.84 3.92 27.57
N LEU A 84 -17.23 2.75 28.10
CA LEU A 84 -16.24 1.73 28.42
C LEU A 84 -15.40 1.34 27.20
N LEU A 85 -16.05 1.15 26.06
CA LEU A 85 -15.38 0.62 24.89
C LEU A 85 -14.55 1.67 24.18
N SER A 86 -14.74 2.94 24.49
CA SER A 86 -13.94 3.99 23.86
C SER A 86 -12.84 4.51 24.78
N ARG A 87 -12.55 3.82 25.88
CA ARG A 87 -11.42 4.17 26.73
C ARG A 87 -10.15 3.57 26.15
N GLU A 88 -9.08 4.37 26.07
CA GLU A 88 -7.86 3.93 25.39
C GLU A 88 -7.22 2.75 26.12
N LYS A 89 -7.25 2.78 27.44
CA LYS A 89 -6.57 1.79 28.26
C LYS A 89 -7.41 0.52 28.33
N GLN A 90 -7.06 -0.47 27.51
CA GLN A 90 -7.61 -1.82 27.61
C GLN A 90 -9.14 -1.83 27.70
N PRO A 91 -9.83 -1.35 26.66
CA PRO A 91 -11.30 -1.46 26.64
C PRO A 91 -11.72 -2.91 26.84
N PRO A 92 -12.75 -3.17 27.66
CA PRO A 92 -13.09 -4.57 28.00
C PRO A 92 -13.94 -5.26 26.93
N ILE A 93 -13.38 -5.37 25.73
CA ILE A 93 -14.14 -5.92 24.61
C ILE A 93 -14.59 -7.35 24.88
N ASP A 94 -13.67 -8.20 25.34
CA ASP A 94 -14.07 -9.61 25.49
C ASP A 94 -15.09 -9.80 26.59
N ASN A 95 -15.02 -8.99 27.66
CA ASN A 95 -16.07 -9.08 28.68
C ASN A 95 -17.43 -8.68 28.12
N ILE A 96 -17.49 -7.61 27.33
CA ILE A 96 -18.75 -7.23 26.70
C ILE A 96 -19.26 -8.34 25.79
N ILE A 97 -18.38 -8.96 25.00
CA ILE A 97 -18.83 -10.07 24.14
C ILE A 97 -19.33 -11.23 24.97
N ARG A 98 -18.56 -11.63 25.98
CA ARG A 98 -18.94 -12.77 26.81
C ARG A 98 -20.27 -12.52 27.52
N ALA A 99 -20.54 -11.27 27.90
CA ALA A 99 -21.84 -10.96 28.51
C ALA A 99 -22.99 -11.09 27.53
N GLY A 100 -22.75 -11.43 26.27
CA GLY A 100 -23.86 -11.60 25.38
C GLY A 100 -24.47 -10.32 24.83
N LEU A 101 -23.73 -9.22 24.83
CA LEU A 101 -24.34 -7.93 24.50
C LEU A 101 -24.41 -7.63 23.00
N ILE A 102 -23.64 -8.30 22.15
CA ILE A 102 -23.62 -7.91 20.74
C ILE A 102 -25.00 -8.01 20.12
N PRO A 103 -25.77 -9.10 20.32
CA PRO A 103 -27.08 -9.18 19.66
C PRO A 103 -28.03 -8.09 20.11
N LYS A 104 -27.93 -7.66 21.36
CA LYS A 104 -28.78 -6.57 21.82
C LYS A 104 -28.38 -5.28 21.12
N PHE A 105 -27.09 -4.96 21.07
CA PHE A 105 -26.61 -3.79 20.31
C PHE A 105 -27.11 -3.84 18.87
N VAL A 106 -26.97 -4.98 18.22
CA VAL A 106 -27.42 -5.08 16.84
C VAL A 106 -28.92 -4.81 16.75
N SER A 107 -29.72 -5.34 17.67
CA SER A 107 -31.15 -5.07 17.56
C SER A 107 -31.44 -3.58 17.80
N PHE A 108 -30.66 -2.93 18.66
CA PHE A 108 -30.83 -1.50 18.87
C PHE A 108 -30.52 -0.69 17.62
N LEU A 109 -29.69 -1.23 16.73
CA LEU A 109 -29.42 -0.50 15.50
C LEU A 109 -30.71 -0.30 14.70
N GLY A 110 -31.69 -1.18 14.87
CA GLY A 110 -32.95 -1.10 14.15
C GLY A 110 -34.01 -0.20 14.79
N LYS A 111 -33.72 0.49 15.89
CA LYS A 111 -34.75 1.25 16.60
C LYS A 111 -34.85 2.66 16.03
N THR A 112 -35.47 2.74 14.85
CA THR A 112 -35.57 4.04 14.18
C THR A 112 -36.23 5.08 15.08
N ASP A 113 -37.09 4.65 15.99
CA ASP A 113 -37.78 5.60 16.86
C ASP A 113 -36.91 6.13 18.00
N CYS A 114 -35.73 5.53 18.26
CA CYS A 114 -34.82 6.06 19.26
C CYS A 114 -33.43 6.21 18.63
N SER A 115 -33.23 7.29 17.87
CA SER A 115 -31.94 7.49 17.21
C SER A 115 -30.76 7.57 18.18
N PRO A 116 -30.89 8.11 19.40
CA PRO A 116 -29.73 8.06 20.31
C PRO A 116 -29.24 6.65 20.60
N ILE A 117 -30.13 5.65 20.70
CA ILE A 117 -29.65 4.30 21.01
C ILE A 117 -29.08 3.64 19.75
N GLN A 118 -29.57 4.02 18.57
CA GLN A 118 -28.91 3.64 17.31
C GLN A 118 -27.48 4.12 17.30
N PHE A 119 -27.27 5.38 17.65
CA PHE A 119 -25.93 5.95 17.64
C PHE A 119 -25.02 5.28 18.65
N GLU A 120 -25.47 5.17 19.92
CA GLU A 120 -24.63 4.55 20.95
C GLU A 120 -24.28 3.10 20.62
N SER A 121 -25.26 2.31 20.15
N SER A 121 -25.28 2.31 20.18
CA SER A 121 -24.97 0.93 19.77
CA SER A 121 -25.01 0.94 19.75
C SER A 121 -24.05 0.87 18.56
C SER A 121 -24.04 0.89 18.57
N ALA A 122 -24.22 1.78 17.59
CA ALA A 122 -23.31 1.80 16.44
C ALA A 122 -21.88 2.09 16.87
N TRP A 123 -21.71 3.03 17.80
CA TRP A 123 -20.38 3.33 18.28
C TRP A 123 -19.78 2.16 19.05
N ALA A 124 -20.54 1.60 19.99
CA ALA A 124 -20.06 0.44 20.73
C ALA A 124 -19.60 -0.67 19.79
N LEU A 125 -20.44 -0.99 18.81
CA LEU A 125 -20.13 -2.07 17.88
C LEU A 125 -18.94 -1.70 17.00
N THR A 126 -18.82 -0.42 16.62
CA THR A 126 -17.66 0.04 15.87
C THR A 126 -16.39 -0.28 16.62
N ASN A 127 -16.41 -0.05 17.93
CA ASN A 127 -15.16 -0.25 18.65
C ASN A 127 -14.90 -1.71 18.93
N ILE A 128 -15.95 -2.52 19.03
CA ILE A 128 -15.72 -3.97 19.12
C ILE A 128 -15.14 -4.49 17.80
N ALA A 129 -15.71 -4.07 16.68
CA ALA A 129 -15.25 -4.50 15.38
C ALA A 129 -13.86 -3.96 15.03
N SER A 130 -13.38 -2.95 15.73
CA SER A 130 -12.04 -2.45 15.52
C SER A 130 -10.98 -3.34 16.15
N GLY A 131 -11.38 -4.40 16.84
CA GLY A 131 -10.45 -5.22 17.60
C GLY A 131 -9.83 -6.36 16.78
N THR A 132 -9.63 -7.50 17.41
CA THR A 132 -9.05 -8.67 16.75
C THR A 132 -10.04 -9.24 15.74
N SER A 133 -9.56 -10.14 14.86
CA SER A 133 -10.50 -10.78 13.95
C SER A 133 -11.59 -11.53 14.68
N GLU A 134 -11.30 -12.12 15.83
CA GLU A 134 -12.35 -12.82 16.54
C GLU A 134 -13.40 -11.83 17.08
N GLN A 135 -12.97 -10.64 17.51
CA GLN A 135 -13.92 -9.63 17.96
C GLN A 135 -14.75 -9.07 16.79
N THR A 136 -14.10 -8.77 15.66
CA THR A 136 -14.87 -8.38 14.46
C THR A 136 -15.87 -9.47 14.07
N LYS A 137 -15.43 -10.72 14.11
CA LYS A 137 -16.33 -11.81 13.76
C LYS A 137 -17.54 -11.87 14.69
N ALA A 138 -17.34 -11.61 15.99
CA ALA A 138 -18.49 -11.59 16.89
C ALA A 138 -19.53 -10.56 16.44
N VAL A 139 -19.04 -9.40 15.94
CA VAL A 139 -19.99 -8.39 15.44
C VAL A 139 -20.72 -8.89 14.20
N VAL A 140 -19.97 -9.43 13.24
CA VAL A 140 -20.59 -9.97 12.04
C VAL A 140 -21.59 -11.09 12.38
N ASP A 141 -21.22 -11.98 13.30
CA ASP A 141 -22.05 -13.13 13.65
C ASP A 141 -23.35 -12.69 14.31
N GLY A 142 -23.37 -11.50 14.92
CA GLY A 142 -24.58 -10.96 15.49
C GLY A 142 -25.53 -10.33 14.50
N GLY A 143 -25.25 -10.41 13.20
CA GLY A 143 -26.09 -9.81 12.17
C GLY A 143 -25.81 -8.34 11.90
N ALA A 144 -24.65 -7.83 12.28
CA ALA A 144 -24.45 -6.38 12.18
C ALA A 144 -24.40 -5.87 10.75
N ILE A 145 -23.99 -6.69 9.77
CA ILE A 145 -23.70 -6.10 8.46
C ILE A 145 -24.96 -5.50 7.84
N PRO A 146 -26.05 -6.25 7.68
CA PRO A 146 -27.22 -5.62 7.06
C PRO A 146 -27.82 -4.49 7.89
N ALA A 147 -27.74 -4.58 9.22
CA ALA A 147 -28.24 -3.50 10.07
C ALA A 147 -27.46 -2.21 9.86
N PHE A 148 -26.15 -2.32 9.72
CA PHE A 148 -25.36 -1.12 9.45
C PHE A 148 -25.63 -0.59 8.05
N ILE A 149 -25.78 -1.50 7.07
CA ILE A 149 -26.08 -1.03 5.73
C ILE A 149 -27.42 -0.29 5.73
N SER A 150 -28.40 -0.77 6.49
CA SER A 150 -29.68 -0.06 6.58
C SER A 150 -29.50 1.30 7.23
N LEU A 151 -28.56 1.42 8.17
CA LEU A 151 -28.32 2.72 8.79
C LEU A 151 -27.63 3.71 7.88
N LEU A 152 -26.99 3.26 6.81
CA LEU A 152 -26.37 4.24 5.90
C LEU A 152 -27.38 5.27 5.38
N ALA A 153 -28.66 4.92 5.32
CA ALA A 153 -29.72 5.79 4.83
C ALA A 153 -30.32 6.67 5.94
N SER A 154 -29.75 6.66 7.13
CA SER A 154 -30.35 7.41 8.22
C SER A 154 -30.37 8.90 7.89
N PRO A 155 -31.45 9.61 8.27
CA PRO A 155 -31.44 11.08 8.12
C PRO A 155 -30.49 11.78 9.04
N HIS A 156 -29.94 11.09 10.06
CA HIS A 156 -29.02 11.71 10.99
C HIS A 156 -27.60 11.42 10.52
N ALA A 157 -26.86 12.48 10.19
CA ALA A 157 -25.55 12.31 9.61
C ALA A 157 -24.60 11.61 10.58
N HIS A 158 -24.70 11.91 11.89
CA HIS A 158 -23.74 11.29 12.79
C HIS A 158 -23.99 9.77 12.88
N ILE A 159 -25.21 9.32 12.59
CA ILE A 159 -25.53 7.90 12.64
C ILE A 159 -25.09 7.21 11.35
N SER A 160 -25.37 7.81 10.21
N SER A 160 -25.38 7.82 10.21
CA SER A 160 -24.89 7.22 8.97
CA SER A 160 -24.89 7.27 8.95
C SER A 160 -23.37 7.16 8.96
C SER A 160 -23.38 7.16 8.98
N GLU A 161 -22.73 8.19 9.51
CA GLU A 161 -21.28 8.19 9.58
C GLU A 161 -20.78 7.05 10.46
N GLN A 162 -21.44 6.83 11.61
CA GLN A 162 -21.02 5.74 12.48
C GLN A 162 -21.18 4.39 11.79
N ALA A 163 -22.21 4.25 10.96
CA ALA A 163 -22.40 3.03 10.20
C ALA A 163 -21.31 2.85 9.15
N VAL A 164 -20.95 3.94 8.47
CA VAL A 164 -19.82 3.92 7.55
C VAL A 164 -18.58 3.40 8.25
N TRP A 165 -18.31 3.96 9.45
CA TRP A 165 -17.12 3.59 10.20
C TRP A 165 -17.13 2.11 10.58
N ALA A 166 -18.27 1.61 11.06
CA ALA A 166 -18.34 0.21 11.46
C ALA A 166 -18.09 -0.70 10.28
N LEU A 167 -18.66 -0.36 9.13
CA LEU A 167 -18.50 -1.18 7.95
C LEU A 167 -17.06 -1.14 7.45
N GLY A 168 -16.38 -0.01 7.64
CA GLY A 168 -14.96 0.07 7.35
C GLY A 168 -14.14 -0.88 8.21
N ASN A 169 -14.47 -0.98 9.49
CA ASN A 169 -13.74 -1.93 10.34
C ASN A 169 -14.03 -3.39 9.94
N ILE A 170 -15.29 -3.69 9.63
CA ILE A 170 -15.66 -5.04 9.25
C ILE A 170 -14.95 -5.43 7.96
N ALA A 171 -15.07 -4.60 6.93
CA ALA A 171 -14.40 -4.88 5.68
C ALA A 171 -12.89 -4.90 5.84
N GLY A 172 -12.35 -4.06 6.73
CA GLY A 172 -10.91 -4.03 6.88
C GLY A 172 -10.36 -5.27 7.51
N ASP A 173 -11.22 -6.11 8.08
CA ASP A 173 -10.70 -7.32 8.69
C ASP A 173 -9.98 -8.22 7.66
N GLY A 174 -10.43 -8.28 6.44
CA GLY A 174 -9.81 -9.16 5.48
C GLY A 174 -10.74 -9.42 4.32
N SER A 175 -10.24 -10.24 3.38
CA SER A 175 -10.94 -10.43 2.10
C SER A 175 -12.35 -10.96 2.29
N ALA A 176 -12.51 -11.93 3.19
CA ALA A 176 -13.80 -12.59 3.30
C ALA A 176 -14.87 -11.63 3.82
N PHE A 177 -14.60 -10.92 4.91
CA PHE A 177 -15.59 -9.95 5.38
C PHE A 177 -15.77 -8.77 4.44
N ARG A 178 -14.69 -8.33 3.77
CA ARG A 178 -14.83 -7.31 2.74
C ARG A 178 -15.84 -7.77 1.69
N ASP A 179 -15.64 -8.97 1.18
CA ASP A 179 -16.52 -9.49 0.15
C ASP A 179 -17.92 -9.73 0.69
N LEU A 180 -18.04 -10.05 1.99
CA LEU A 180 -19.38 -10.25 2.54
C LEU A 180 -20.12 -8.92 2.66
N VAL A 181 -19.40 -7.88 3.07
CA VAL A 181 -19.98 -6.54 3.09
C VAL A 181 -20.46 -6.13 1.70
N ILE A 182 -19.66 -6.45 0.68
CA ILE A 182 -20.07 -6.16 -0.69
C ILE A 182 -21.31 -6.95 -1.07
N LYS A 183 -21.35 -8.25 -0.71
CA LYS A 183 -22.52 -9.06 -1.08
C LYS A 183 -23.80 -8.55 -0.40
N HIS A 184 -23.70 -8.01 0.82
CA HIS A 184 -24.91 -7.49 1.45
C HIS A 184 -25.35 -6.16 0.84
N GLY A 185 -24.65 -5.64 -0.16
CA GLY A 185 -25.08 -4.43 -0.86
C GLY A 185 -24.55 -3.11 -0.33
N ALA A 186 -23.38 -3.08 0.27
CA ALA A 186 -22.94 -1.83 0.88
C ALA A 186 -22.53 -0.77 -0.14
N ILE A 187 -22.11 -1.16 -1.35
CA ILE A 187 -21.42 -0.18 -2.19
C ILE A 187 -22.39 0.89 -2.68
N ASP A 188 -23.58 0.49 -3.17
CA ASP A 188 -24.58 1.44 -3.67
C ASP A 188 -24.85 2.54 -2.64
N PRO A 189 -25.28 2.21 -1.41
CA PRO A 189 -25.58 3.29 -0.45
C PRO A 189 -24.36 4.07 0.01
N LEU A 190 -23.18 3.44 0.07
CA LEU A 190 -21.98 4.21 0.37
C LEU A 190 -21.73 5.25 -0.70
N LEU A 191 -21.76 4.84 -1.96
CA LEU A 191 -21.47 5.77 -3.04
C LEU A 191 -22.56 6.83 -3.15
N ALA A 192 -23.81 6.49 -2.84
CA ALA A 192 -24.86 7.50 -2.81
C ALA A 192 -24.56 8.60 -1.80
N LEU A 193 -23.90 8.28 -0.69
CA LEU A 193 -23.57 9.37 0.23
C LEU A 193 -22.65 10.41 -0.39
N LEU A 194 -21.90 10.07 -1.43
CA LEU A 194 -20.98 11.01 -2.07
C LEU A 194 -21.55 11.62 -3.34
N ALA A 195 -22.82 11.36 -3.67
CA ALA A 195 -23.40 11.85 -4.94
C ALA A 195 -23.94 13.25 -4.72
N VAL A 196 -23.01 14.17 -4.55
CA VAL A 196 -23.27 15.59 -4.40
C VAL A 196 -22.48 16.32 -5.47
N PRO A 197 -22.92 17.50 -5.88
CA PRO A 197 -22.18 18.22 -6.96
C PRO A 197 -20.78 18.63 -6.54
N ASP A 198 -20.59 18.98 -5.28
CA ASP A 198 -19.30 19.44 -4.77
C ASP A 198 -19.02 18.78 -3.43
N LEU A 199 -17.96 17.97 -3.38
CA LEU A 199 -17.59 17.25 -2.16
C LEU A 199 -17.32 18.20 -1.00
N SER A 200 -16.98 19.46 -1.30
CA SER A 200 -16.64 20.41 -0.25
C SER A 200 -17.85 20.79 0.60
N THR A 201 -19.07 20.51 0.16
CA THR A 201 -20.22 20.76 1.01
C THR A 201 -20.38 19.70 2.09
N LEU A 202 -19.68 18.57 1.99
CA LEU A 202 -19.76 17.55 3.04
C LEU A 202 -18.88 17.93 4.21
N ALA A 203 -19.29 17.51 5.39
CA ALA A 203 -18.42 17.66 6.55
C ALA A 203 -17.11 16.91 6.31
N CYS A 204 -16.02 17.50 6.79
CA CYS A 204 -14.70 16.97 6.49
C CYS A 204 -14.51 15.58 7.11
N GLY A 205 -14.82 15.46 8.40
CA GLY A 205 -14.69 14.15 9.06
C GLY A 205 -15.52 13.06 8.40
N TYR A 206 -16.73 13.42 7.98
CA TYR A 206 -17.64 12.51 7.28
C TYR A 206 -17.02 12.03 5.97
N LEU A 207 -16.52 12.95 5.17
CA LEU A 207 -15.89 12.58 3.91
C LEU A 207 -14.64 11.74 4.14
N ARG A 208 -13.83 12.07 5.15
CA ARG A 208 -12.63 11.27 5.43
C ARG A 208 -13.00 9.83 5.80
N ASN A 209 -14.06 9.67 6.59
N ASN A 209 -14.05 9.71 6.62
CA ASN A 209 -14.44 8.32 7.00
CA ASN A 209 -14.56 8.42 7.03
C ASN A 209 -15.02 7.54 5.82
C ASN A 209 -14.99 7.59 5.84
N LEU A 210 -15.83 8.18 4.98
CA LEU A 210 -16.25 7.51 3.76
C LEU A 210 -15.06 7.10 2.88
N THR A 211 -14.09 7.99 2.69
CA THR A 211 -12.94 7.65 1.85
C THR A 211 -12.19 6.46 2.42
N TRP A 212 -11.97 6.44 3.74
CA TRP A 212 -11.26 5.34 4.37
C TRP A 212 -12.02 4.02 4.25
N THR A 213 -13.34 4.06 4.45
CA THR A 213 -14.10 2.83 4.30
C THR A 213 -14.05 2.32 2.85
N LEU A 214 -14.23 3.21 1.88
CA LEU A 214 -14.09 2.79 0.49
C LEU A 214 -12.72 2.18 0.25
N SER A 215 -11.68 2.75 0.86
CA SER A 215 -10.34 2.20 0.64
C SER A 215 -10.23 0.79 1.22
N ASN A 216 -10.95 0.51 2.33
CA ASN A 216 -10.93 -0.86 2.85
C ASN A 216 -11.71 -1.81 1.95
N LEU A 217 -12.69 -1.30 1.19
CA LEU A 217 -13.32 -2.19 0.21
C LEU A 217 -12.39 -2.51 -0.96
N CYS A 218 -11.36 -1.70 -1.16
CA CYS A 218 -10.34 -1.96 -2.17
C CYS A 218 -9.14 -2.72 -1.65
N ARG A 219 -9.01 -2.83 -0.33
CA ARG A 219 -7.82 -3.40 0.26
C ARG A 219 -7.90 -4.95 0.32
N ASN A 220 -6.72 -5.56 0.37
CA ASN A 220 -6.46 -6.99 0.59
C ASN A 220 -6.50 -7.79 -0.69
N LYS A 221 -5.77 -8.90 -0.70
CA LYS A 221 -5.66 -9.80 -1.82
C LYS A 221 -5.95 -11.22 -1.35
N ASN A 222 -5.92 -12.15 -2.29
CA ASN A 222 -6.16 -13.55 -1.99
C ASN A 222 -7.55 -13.73 -1.38
N PRO A 223 -8.59 -13.33 -2.09
CA PRO A 223 -8.54 -12.74 -3.44
C PRO A 223 -8.54 -11.21 -3.37
N ALA A 224 -8.25 -10.58 -4.48
CA ALA A 224 -8.47 -9.15 -4.66
C ALA A 224 -9.96 -8.89 -4.69
N PRO A 225 -10.38 -7.64 -4.56
CA PRO A 225 -11.81 -7.35 -4.53
C PRO A 225 -12.48 -7.75 -5.84
N PRO A 226 -13.79 -8.00 -5.84
CA PRO A 226 -14.49 -8.40 -7.07
C PRO A 226 -14.36 -7.36 -8.17
N LEU A 227 -14.14 -7.82 -9.40
CA LEU A 227 -13.92 -6.89 -10.51
C LEU A 227 -15.07 -5.93 -10.66
N ASP A 228 -16.30 -6.40 -10.51
CA ASP A 228 -17.46 -5.51 -10.69
C ASP A 228 -17.52 -4.44 -9.60
N ALA A 229 -17.15 -4.80 -8.37
CA ALA A 229 -17.12 -3.81 -7.29
C ALA A 229 -16.05 -2.76 -7.52
N VAL A 230 -14.89 -3.17 -8.03
CA VAL A 230 -13.83 -2.22 -8.38
C VAL A 230 -14.34 -1.25 -9.45
N GLU A 231 -14.98 -1.78 -10.49
CA GLU A 231 -15.47 -0.88 -11.54
C GLU A 231 -16.54 0.07 -11.01
N GLN A 232 -17.36 -0.40 -10.08
CA GLN A 232 -18.37 0.44 -9.47
C GLN A 232 -17.76 1.56 -8.62
N ILE A 233 -16.70 1.25 -7.87
CA ILE A 233 -16.10 2.23 -6.95
C ILE A 233 -15.18 3.21 -7.68
N LEU A 234 -14.51 2.79 -8.74
CA LEU A 234 -13.40 3.58 -9.29
C LEU A 234 -13.76 5.01 -9.68
N PRO A 235 -14.90 5.29 -10.32
CA PRO A 235 -15.20 6.70 -10.67
C PRO A 235 -15.29 7.61 -9.46
N THR A 236 -15.78 7.09 -8.32
CA THR A 236 -15.81 7.89 -7.11
C THR A 236 -14.41 8.08 -6.54
N LEU A 237 -13.59 7.03 -6.56
CA LEU A 237 -12.20 7.21 -6.17
C LEU A 237 -11.53 8.27 -7.01
N VAL A 238 -11.74 8.24 -8.33
CA VAL A 238 -11.09 9.23 -9.18
C VAL A 238 -11.50 10.63 -8.73
N ARG A 239 -12.77 10.79 -8.37
CA ARG A 239 -13.23 12.09 -7.92
CA ARG A 239 -13.25 12.09 -7.91
C ARG A 239 -12.59 12.48 -6.57
N LEU A 240 -12.42 11.51 -5.68
CA LEU A 240 -11.82 11.80 -4.38
C LEU A 240 -10.34 12.14 -4.52
N LEU A 241 -9.69 11.55 -5.52
CA LEU A 241 -8.30 11.87 -5.79
C LEU A 241 -8.08 13.32 -6.22
N HIS A 242 -9.14 14.06 -6.56
CA HIS A 242 -8.99 15.47 -6.90
C HIS A 242 -9.52 16.35 -5.80
N HIS A 243 -9.86 15.79 -4.65
CA HIS A 243 -10.37 16.60 -3.57
C HIS A 243 -9.21 17.24 -2.82
N ASN A 244 -9.48 18.36 -2.14
CA ASN A 244 -8.43 19.18 -1.54
C ASN A 244 -8.13 18.86 -0.08
N ASP A 245 -8.59 17.78 0.44
CA ASP A 245 -8.23 17.48 1.82
C ASP A 245 -7.08 16.50 1.88
N PRO A 246 -6.03 16.74 2.65
CA PRO A 246 -4.87 15.82 2.62
C PRO A 246 -5.19 14.40 3.07
N GLU A 247 -6.07 14.22 4.03
CA GLU A 247 -6.39 12.85 4.44
C GLU A 247 -7.21 12.13 3.37
N VAL A 248 -8.16 12.83 2.73
CA VAL A 248 -8.90 12.22 1.63
C VAL A 248 -7.96 11.86 0.49
N LEU A 249 -7.02 12.75 0.15
CA LEU A 249 -6.02 12.44 -0.87
C LEU A 249 -5.19 11.23 -0.48
N ALA A 250 -4.71 11.18 0.76
CA ALA A 250 -3.87 10.05 1.14
C ALA A 250 -4.64 8.74 1.02
N ASP A 251 -5.88 8.71 1.50
CA ASP A 251 -6.59 7.44 1.52
C ASP A 251 -7.10 7.05 0.15
N SER A 252 -7.46 8.00 -0.70
CA SER A 252 -7.85 7.60 -2.05
C SER A 252 -6.62 7.13 -2.82
N CYS A 253 -5.45 7.74 -2.57
CA CYS A 253 -4.21 7.18 -3.09
C CYS A 253 -3.97 5.75 -2.62
N TRP A 254 -4.17 5.50 -1.31
CA TRP A 254 -3.97 4.14 -0.82
C TRP A 254 -4.91 3.19 -1.55
N ALA A 255 -6.17 3.59 -1.72
CA ALA A 255 -7.10 2.72 -2.44
C ALA A 255 -6.58 2.38 -3.83
N ILE A 256 -6.12 3.40 -4.57
CA ILE A 256 -5.56 3.16 -5.89
C ILE A 256 -4.34 2.24 -5.81
N SER A 257 -3.52 2.44 -4.80
CA SER A 257 -2.37 1.55 -4.63
C SER A 257 -2.77 0.10 -4.39
N TYR A 258 -3.85 -0.13 -3.63
CA TYR A 258 -4.37 -1.48 -3.47
C TYR A 258 -4.84 -2.05 -4.81
N LEU A 259 -5.56 -1.25 -5.58
CA LEU A 259 -6.18 -1.76 -6.79
C LEU A 259 -5.15 -2.04 -7.89
N THR A 260 -4.00 -1.40 -7.85
CA THR A 260 -2.94 -1.65 -8.83
C THR A 260 -1.96 -2.71 -8.38
N ASP A 261 -2.19 -3.29 -7.19
CA ASP A 261 -1.34 -4.32 -6.61
C ASP A 261 -1.89 -5.69 -7.04
N GLY A 262 -1.48 -6.13 -8.23
CA GLY A 262 -1.95 -7.40 -8.75
C GLY A 262 -1.64 -7.56 -10.23
N PRO A 263 -2.36 -8.45 -10.92
CA PRO A 263 -2.09 -8.69 -12.35
C PRO A 263 -2.33 -7.46 -13.21
N ASN A 264 -1.75 -7.49 -14.42
CA ASN A 264 -1.77 -6.30 -15.26
C ASN A 264 -3.18 -5.90 -15.68
N GLU A 265 -4.13 -6.84 -15.67
CA GLU A 265 -5.52 -6.47 -15.96
C GLU A 265 -6.12 -5.52 -14.90
N ARG A 266 -5.74 -5.69 -13.63
CA ARG A 266 -6.18 -4.73 -12.61
C ARG A 266 -5.53 -3.35 -12.83
N ILE A 267 -4.21 -3.35 -13.09
CA ILE A 267 -3.51 -2.12 -13.43
C ILE A 267 -4.24 -1.41 -14.54
N GLU A 268 -4.59 -2.17 -15.58
CA GLU A 268 -5.24 -1.56 -16.74
C GLU A 268 -6.55 -0.91 -16.36
N MET A 269 -7.36 -1.58 -15.53
CA MET A 269 -8.63 -0.94 -15.17
C MET A 269 -8.40 0.41 -14.53
N VAL A 270 -7.33 0.54 -13.73
CA VAL A 270 -7.05 1.83 -13.09
C VAL A 270 -6.49 2.83 -14.11
N VAL A 271 -5.48 2.44 -14.86
CA VAL A 271 -4.84 3.35 -15.81
C VAL A 271 -5.83 3.87 -16.84
N LYS A 272 -6.79 3.02 -17.26
CA LYS A 272 -7.79 3.46 -18.22
C LYS A 272 -8.65 4.60 -17.72
N LYS A 273 -8.79 4.77 -16.41
CA LYS A 273 -9.55 5.92 -15.89
C LYS A 273 -8.75 7.21 -15.94
N GLY A 274 -7.52 7.19 -16.43
CA GLY A 274 -6.82 8.44 -16.66
C GLY A 274 -6.19 9.06 -15.44
N VAL A 275 -6.01 8.30 -14.36
CA VAL A 275 -5.52 8.85 -13.10
C VAL A 275 -4.01 9.01 -13.02
N VAL A 276 -3.22 8.47 -13.95
CA VAL A 276 -1.76 8.51 -13.78
C VAL A 276 -1.26 9.94 -13.61
N PRO A 277 -1.68 10.93 -14.42
CA PRO A 277 -1.20 12.31 -14.20
C PRO A 277 -1.48 12.85 -12.81
N GLN A 278 -2.68 12.61 -12.26
CA GLN A 278 -2.96 13.06 -10.89
C GLN A 278 -2.07 12.33 -9.90
N LEU A 279 -1.82 11.05 -10.12
CA LEU A 279 -0.91 10.34 -9.22
C LEU A 279 0.49 10.95 -9.25
N VAL A 280 0.96 11.35 -10.44
CA VAL A 280 2.28 11.94 -10.54
C VAL A 280 2.31 13.29 -9.84
N LYS A 281 1.24 14.06 -9.97
CA LYS A 281 1.14 15.31 -9.23
C LYS A 281 1.20 15.07 -7.71
N LEU A 282 0.49 14.05 -7.23
CA LEU A 282 0.54 13.78 -5.79
C LEU A 282 1.90 13.26 -5.38
N LEU A 283 2.57 12.59 -6.32
CA LEU A 283 3.90 12.07 -6.03
C LEU A 283 4.82 13.22 -5.70
N GLY A 284 4.51 14.38 -6.25
CA GLY A 284 5.28 15.57 -5.98
C GLY A 284 4.84 16.36 -4.78
N ALA A 285 3.89 15.86 -3.98
CA ALA A 285 3.39 16.62 -2.84
C ALA A 285 4.46 16.79 -1.76
N THR A 286 4.22 17.75 -0.88
CA THR A 286 5.13 17.94 0.25
C THR A 286 4.78 17.03 1.42
N GLU A 287 3.54 16.58 1.52
CA GLU A 287 3.12 15.74 2.64
C GLU A 287 3.52 14.29 2.39
N LEU A 288 4.35 13.76 3.29
CA LEU A 288 4.73 12.36 3.20
C LEU A 288 3.54 11.38 3.23
N PRO A 289 2.45 11.64 3.96
CA PRO A 289 1.31 10.70 3.93
C PRO A 289 0.65 10.62 2.58
N ILE A 290 0.89 11.58 1.70
CA ILE A 290 0.39 11.53 0.33
C ILE A 290 1.42 10.93 -0.62
N VAL A 291 2.67 11.38 -0.52
CA VAL A 291 3.72 10.82 -1.38
C VAL A 291 3.80 9.32 -1.21
N THR A 292 3.70 8.82 0.02
CA THR A 292 3.91 7.38 0.22
C THR A 292 2.93 6.52 -0.60
N PRO A 293 1.62 6.69 -0.51
CA PRO A 293 0.72 5.86 -1.34
C PRO A 293 0.78 6.22 -2.80
N ALA A 294 1.03 7.49 -3.14
CA ALA A 294 1.18 7.85 -4.54
C ALA A 294 2.34 7.08 -5.17
N LEU A 295 3.46 7.01 -4.44
CA LEU A 295 4.63 6.27 -4.92
C LEU A 295 4.35 4.78 -5.01
N ARG A 296 3.66 4.21 -4.02
CA ARG A 296 3.30 2.80 -4.13
C ARG A 296 2.45 2.53 -5.37
N ALA A 297 1.50 3.42 -5.68
CA ALA A 297 0.64 3.19 -6.82
C ALA A 297 1.42 3.30 -8.12
N ILE A 298 2.28 4.30 -8.22
CA ILE A 298 3.11 4.46 -9.40
C ILE A 298 4.02 3.25 -9.58
N GLY A 299 4.65 2.80 -8.48
CA GLY A 299 5.50 1.64 -8.53
C GLY A 299 4.75 0.39 -8.98
N ASN A 300 3.54 0.21 -8.44
CA ASN A 300 2.70 -0.92 -8.87
C ASN A 300 2.40 -0.83 -10.36
N ILE A 301 2.10 0.36 -10.85
CA ILE A 301 1.73 0.49 -12.24
C ILE A 301 2.91 0.10 -13.15
N VAL A 302 4.13 0.47 -12.77
CA VAL A 302 5.26 0.16 -13.65
C VAL A 302 5.72 -1.28 -13.50
N THR A 303 5.09 -2.06 -12.60
CA THR A 303 5.28 -3.52 -12.68
C THR A 303 4.53 -4.17 -13.84
N GLY A 304 3.74 -3.40 -14.57
CA GLY A 304 2.87 -3.94 -15.59
C GLY A 304 3.53 -3.97 -16.96
N THR A 305 2.75 -3.71 -18.00
CA THR A 305 3.25 -3.81 -19.34
C THR A 305 4.13 -2.62 -19.68
N ASP A 306 4.87 -2.75 -20.78
CA ASP A 306 5.63 -1.62 -21.29
C ASP A 306 4.74 -0.42 -21.56
N GLU A 307 3.50 -0.66 -22.02
CA GLU A 307 2.63 0.48 -22.31
C GLU A 307 2.10 1.15 -21.03
N GLN A 308 1.80 0.33 -20.02
CA GLN A 308 1.39 0.90 -18.73
C GLN A 308 2.52 1.73 -18.14
N THR A 309 3.73 1.18 -18.18
CA THR A 309 4.90 1.93 -17.70
C THR A 309 5.05 3.23 -18.45
N GLN A 310 4.82 3.19 -19.76
CA GLN A 310 5.02 4.39 -20.56
C GLN A 310 4.04 5.47 -20.14
N LYS A 311 2.86 5.11 -19.68
CA LYS A 311 1.96 6.18 -19.24
C LYS A 311 2.55 6.94 -18.04
N VAL A 312 3.23 6.22 -17.15
CA VAL A 312 3.87 6.87 -16.01
C VAL A 312 4.97 7.82 -16.48
N ILE A 313 5.80 7.36 -17.42
CA ILE A 313 6.88 8.22 -17.94
C ILE A 313 6.31 9.42 -18.66
N ASP A 314 5.32 9.17 -19.53
CA ASP A 314 4.67 10.25 -20.27
C ASP A 314 4.12 11.31 -19.35
N ALA A 315 3.67 10.91 -18.17
CA ALA A 315 3.04 11.86 -17.27
C ALA A 315 4.06 12.71 -16.51
N GLY A 316 5.36 12.49 -16.69
CA GLY A 316 6.38 13.32 -16.04
C GLY A 316 6.92 12.76 -14.74
N ALA A 317 6.71 11.48 -14.47
CA ALA A 317 7.08 10.96 -13.15
C ALA A 317 8.58 11.06 -12.91
N LEU A 318 9.39 10.85 -13.95
CA LEU A 318 10.82 10.72 -13.70
C LEU A 318 11.42 11.99 -13.13
N ALA A 319 10.81 13.14 -13.42
CA ALA A 319 11.33 14.42 -12.94
C ALA A 319 11.28 14.52 -11.42
N VAL A 320 10.48 13.67 -10.78
CA VAL A 320 10.39 13.69 -9.33
C VAL A 320 11.46 12.81 -8.69
N PHE A 321 12.10 11.92 -9.45
CA PHE A 321 12.94 10.94 -8.80
C PHE A 321 14.28 11.43 -8.26
N PRO A 322 14.85 12.55 -8.72
CA PRO A 322 16.01 13.07 -7.96
C PRO A 322 15.71 13.29 -6.47
N SER A 323 14.53 13.82 -6.14
CA SER A 323 14.13 13.99 -4.74
C SER A 323 13.80 12.66 -4.08
N LEU A 324 13.05 11.81 -4.77
CA LEU A 324 12.63 10.55 -4.14
C LEU A 324 13.85 9.66 -3.84
N LEU A 325 14.81 9.60 -4.76
CA LEU A 325 16.00 8.74 -4.59
C LEU A 325 16.98 9.29 -3.58
N THR A 326 16.78 10.52 -3.11
CA THR A 326 17.55 11.07 -2.00
C THR A 326 16.66 11.42 -0.81
N ASN A 327 15.42 10.92 -0.79
CA ASN A 327 14.47 11.34 0.23
C ASN A 327 14.99 10.92 1.61
N PRO A 328 14.81 11.77 2.62
CA PRO A 328 15.27 11.40 3.98
C PRO A 328 14.58 10.21 4.58
N LYS A 329 13.39 9.83 4.13
CA LYS A 329 12.70 8.65 4.65
C LYS A 329 13.17 7.42 3.90
N THR A 330 13.71 6.44 4.61
CA THR A 330 14.32 5.30 3.94
C THR A 330 13.30 4.53 3.11
N ASN A 331 12.07 4.41 3.60
CA ASN A 331 11.06 3.67 2.83
C ASN A 331 10.76 4.34 1.50
N ILE A 332 10.70 5.68 1.46
CA ILE A 332 10.55 6.37 0.18
C ILE A 332 11.71 6.04 -0.76
N GLN A 333 12.94 6.10 -0.25
CA GLN A 333 14.08 5.77 -1.11
C GLN A 333 13.97 4.35 -1.64
N LYS A 334 13.63 3.42 -0.75
CA LYS A 334 13.53 2.02 -1.14
C LYS A 334 12.48 1.83 -2.22
N GLU A 335 11.28 2.39 -2.01
CA GLU A 335 10.22 2.17 -2.99
C GLU A 335 10.49 2.91 -4.28
N ALA A 336 11.15 4.08 -4.24
CA ALA A 336 11.50 4.76 -5.48
C ALA A 336 12.57 3.97 -6.26
N THR A 337 13.50 3.33 -5.56
CA THR A 337 14.51 2.53 -6.24
C THR A 337 13.90 1.26 -6.83
N TRP A 338 12.97 0.64 -6.09
CA TRP A 338 12.20 -0.49 -6.63
C TRP A 338 11.48 -0.06 -7.91
N THR A 339 10.82 1.10 -7.85
CA THR A 339 10.15 1.63 -9.03
C THR A 339 11.15 1.79 -10.19
N MET A 340 12.31 2.38 -9.92
CA MET A 340 13.30 2.57 -10.99
C MET A 340 13.70 1.22 -11.57
N SER A 341 13.81 0.19 -10.72
CA SER A 341 14.23 -1.11 -11.21
C SER A 341 13.19 -1.68 -12.17
N ASN A 342 11.94 -1.40 -11.91
CA ASN A 342 10.92 -1.86 -12.83
C ASN A 342 10.88 -1.02 -14.09
N ILE A 343 11.31 0.22 -14.02
CA ILE A 343 11.42 0.99 -15.24
C ILE A 343 12.64 0.56 -16.05
N THR A 344 13.75 0.24 -15.39
CA THR A 344 14.90 -0.19 -16.19
C THR A 344 14.72 -1.61 -16.70
N ALA A 345 13.72 -2.33 -16.21
CA ALA A 345 13.32 -3.60 -16.82
C ALA A 345 12.50 -3.40 -18.09
N GLY A 346 12.29 -2.17 -18.54
CA GLY A 346 11.48 -1.89 -19.69
C GLY A 346 12.25 -1.85 -21.01
N ARG A 347 11.69 -1.14 -21.97
CA ARG A 347 12.23 -1.06 -23.32
C ARG A 347 13.44 -0.13 -23.33
N GLN A 348 14.26 -0.30 -24.36
CA GLN A 348 15.45 0.54 -24.49
C GLN A 348 15.12 2.03 -24.51
N ASP A 349 14.01 2.44 -25.16
CA ASP A 349 13.67 3.86 -25.13
C ASP A 349 13.23 4.31 -23.73
N GLN A 350 12.83 3.39 -22.85
CA GLN A 350 12.46 3.77 -21.49
C GLN A 350 13.72 3.90 -20.64
N ILE A 351 14.65 2.97 -20.83
CA ILE A 351 15.99 3.13 -20.26
C ILE A 351 16.58 4.46 -20.67
N GLN A 352 16.35 4.86 -21.93
CA GLN A 352 16.92 6.12 -22.42
C GLN A 352 16.30 7.31 -21.72
N GLN A 353 15.02 7.22 -21.38
CA GLN A 353 14.39 8.30 -20.61
C GLN A 353 14.98 8.41 -19.22
N VAL A 354 15.28 7.27 -18.60
CA VAL A 354 16.01 7.28 -17.34
C VAL A 354 17.34 8.00 -17.50
N VAL A 355 18.08 7.66 -18.54
CA VAL A 355 19.32 8.37 -18.84
C VAL A 355 19.08 9.87 -19.01
N ASN A 356 18.09 10.23 -19.83
CA ASN A 356 17.89 11.65 -20.18
C ASN A 356 17.54 12.49 -18.97
N HIS A 357 16.84 11.90 -18.01
CA HIS A 357 16.42 12.60 -16.82
C HIS A 357 17.51 12.70 -15.79
N GLY A 358 18.69 12.21 -16.10
CA GLY A 358 19.80 12.33 -15.17
C GLY A 358 19.74 11.40 -14.00
N LEU A 359 19.01 10.26 -14.12
CA LEU A 359 18.78 9.39 -12.98
C LEU A 359 19.84 8.33 -12.80
N VAL A 360 20.74 8.12 -13.78
CA VAL A 360 21.74 7.09 -13.57
C VAL A 360 22.68 7.49 -12.44
N PRO A 361 23.16 8.74 -12.37
CA PRO A 361 23.97 9.12 -11.20
C PRO A 361 23.25 8.93 -9.89
N PHE A 362 21.93 9.12 -9.85
CA PHE A 362 21.19 8.87 -8.61
C PHE A 362 21.20 7.39 -8.26
N LEU A 363 21.08 6.52 -9.27
CA LEU A 363 21.19 5.10 -8.99
C LEU A 363 22.57 4.74 -8.48
N VAL A 364 23.61 5.34 -9.06
CA VAL A 364 24.96 5.14 -8.54
C VAL A 364 25.00 5.56 -7.09
N GLY A 365 24.35 6.68 -6.79
CA GLY A 365 24.33 7.19 -5.43
C GLY A 365 23.74 6.20 -4.44
N VAL A 366 22.56 5.66 -4.76
CA VAL A 366 21.91 4.74 -3.81
C VAL A 366 22.68 3.43 -3.73
N LEU A 367 23.24 2.95 -4.83
CA LEU A 367 24.12 1.79 -4.74
C LEU A 367 25.30 2.07 -3.83
N SER A 368 25.84 3.30 -3.85
CA SER A 368 27.02 3.62 -3.05
C SER A 368 26.69 3.75 -1.57
N LYS A 369 25.58 4.39 -1.24
CA LYS A 369 25.24 4.62 0.15
C LYS A 369 23.73 4.70 0.28
N ALA A 370 23.17 3.78 1.07
CA ALA A 370 21.74 3.74 1.33
C ALA A 370 21.54 2.60 2.30
N ASP A 371 20.37 2.56 2.93
CA ASP A 371 20.00 1.36 3.66
C ASP A 371 20.14 0.14 2.77
N PHE A 372 20.56 -1.00 3.35
CA PHE A 372 20.83 -2.19 2.54
C PHE A 372 19.64 -2.64 1.70
N LYS A 373 18.41 -2.50 2.21
CA LYS A 373 17.26 -2.90 1.38
C LYS A 373 17.17 -2.06 0.11
N THR A 374 17.46 -0.76 0.24
CA THR A 374 17.49 0.13 -0.90
C THR A 374 18.63 -0.26 -1.83
N GLN A 375 19.78 -0.61 -1.28
CA GLN A 375 20.90 -1.02 -2.13
C GLN A 375 20.55 -2.27 -2.94
N LYS A 376 19.82 -3.22 -2.32
CA LYS A 376 19.36 -4.40 -3.06
C LYS A 376 18.48 -3.99 -4.22
N GLU A 377 17.55 -3.07 -3.98
CA GLU A 377 16.70 -2.61 -5.08
C GLU A 377 17.55 -1.95 -6.16
N ALA A 378 18.58 -1.21 -5.75
CA ALA A 378 19.43 -0.56 -6.74
C ALA A 378 20.17 -1.61 -7.57
N ALA A 379 20.63 -2.66 -6.91
CA ALA A 379 21.31 -3.74 -7.63
C ALA A 379 20.39 -4.33 -8.68
N TRP A 380 19.12 -4.58 -8.32
CA TRP A 380 18.15 -5.00 -9.34
C TRP A 380 18.04 -3.98 -10.47
N ALA A 381 17.93 -2.69 -10.14
CA ALA A 381 17.84 -1.68 -11.18
C ALA A 381 19.01 -1.79 -12.17
N ILE A 382 20.21 -2.03 -11.64
CA ILE A 382 21.39 -2.11 -12.48
C ILE A 382 21.36 -3.40 -13.32
N THR A 383 20.99 -4.52 -12.71
CA THR A 383 20.97 -5.77 -13.48
C THR A 383 19.95 -5.67 -14.60
N ASN A 384 18.81 -5.04 -14.35
CA ASN A 384 17.80 -4.89 -15.39
C ASN A 384 18.28 -3.97 -16.49
N TYR A 385 18.83 -2.81 -16.09
CA TYR A 385 19.38 -1.87 -17.05
C TYR A 385 20.40 -2.57 -17.95
N THR A 386 21.32 -3.35 -17.35
CA THR A 386 22.36 -3.97 -18.16
C THR A 386 21.81 -5.11 -19.00
N SER A 387 20.71 -5.74 -18.57
CA SER A 387 20.09 -6.81 -19.34
C SER A 387 19.40 -6.27 -20.58
N GLY A 388 18.72 -5.15 -20.47
CA GLY A 388 17.90 -4.68 -21.55
C GLY A 388 18.53 -3.56 -22.34
N GLY A 389 19.61 -2.98 -21.83
CA GLY A 389 20.14 -1.77 -22.42
C GLY A 389 20.97 -2.01 -23.69
N THR A 390 21.06 -0.97 -24.51
CA THR A 390 22.02 -0.94 -25.61
C THR A 390 23.45 -0.92 -25.08
N VAL A 391 24.40 -1.08 -25.99
CA VAL A 391 25.79 -1.04 -25.59
C VAL A 391 26.16 0.36 -25.14
N GLU A 392 25.68 1.39 -25.85
CA GLU A 392 25.97 2.78 -25.50
C GLU A 392 25.40 3.13 -24.12
N GLN A 393 24.22 2.59 -23.78
CA GLN A 393 23.62 2.79 -22.47
C GLN A 393 24.47 2.15 -21.38
N ILE A 394 25.01 0.97 -21.65
CA ILE A 394 25.83 0.30 -20.65
C ILE A 394 27.17 1.01 -20.48
N VAL A 395 27.72 1.52 -21.59
CA VAL A 395 28.96 2.30 -21.52
C VAL A 395 28.73 3.55 -20.66
N TYR A 396 27.62 4.25 -20.91
CA TYR A 396 27.27 5.41 -20.10
C TYR A 396 27.22 5.05 -18.63
N LEU A 397 26.60 3.91 -18.33
CA LEU A 397 26.48 3.47 -16.96
C LEU A 397 27.85 3.31 -16.31
N VAL A 398 28.79 2.74 -17.05
CA VAL A 398 30.13 2.56 -16.48
C VAL A 398 30.80 3.91 -16.28
N HIS A 399 30.63 4.83 -17.24
CA HIS A 399 31.20 6.17 -17.09
C HIS A 399 30.56 6.96 -15.94
N CYS A 400 29.34 6.62 -15.52
CA CYS A 400 28.77 7.29 -14.34
C CYS A 400 29.33 6.78 -13.03
N GLY A 401 30.11 5.71 -13.06
CA GLY A 401 30.79 5.21 -11.89
C GLY A 401 30.20 3.97 -11.25
N ILE A 402 29.50 3.13 -12.00
CA ILE A 402 28.78 2.03 -11.38
C ILE A 402 29.71 0.95 -10.81
N ILE A 403 30.89 0.78 -11.40
CA ILE A 403 31.65 -0.44 -11.13
C ILE A 403 32.05 -0.51 -9.67
N GLU A 404 32.60 0.56 -9.13
CA GLU A 404 33.11 0.46 -7.75
C GLU A 404 32.02 0.17 -6.73
N PRO A 405 30.90 0.90 -6.68
CA PRO A 405 29.86 0.53 -5.69
C PRO A 405 29.30 -0.86 -5.94
N LEU A 406 29.20 -1.25 -7.21
CA LEU A 406 28.73 -2.59 -7.53
C LEU A 406 29.66 -3.63 -6.91
N MET A 407 30.97 -3.47 -7.09
CA MET A 407 31.91 -4.42 -6.51
C MET A 407 31.87 -4.37 -4.98
N ASN A 408 31.79 -3.17 -4.40
CA ASN A 408 31.79 -3.10 -2.94
C ASN A 408 30.64 -3.88 -2.36
N LEU A 409 29.55 -4.00 -3.11
CA LEU A 409 28.41 -4.76 -2.58
C LEU A 409 28.57 -6.28 -2.68
N LEU A 410 29.60 -6.78 -3.34
CA LEU A 410 29.76 -8.24 -3.38
C LEU A 410 30.25 -8.79 -2.04
N SER A 411 30.62 -7.94 -1.11
CA SER A 411 31.00 -8.36 0.22
C SER A 411 29.80 -8.56 1.13
N ALA A 412 28.60 -8.54 0.59
CA ALA A 412 27.39 -8.62 1.39
C ALA A 412 27.01 -10.08 1.63
N LYS A 413 26.27 -10.31 2.71
CA LYS A 413 25.90 -11.67 3.10
C LYS A 413 24.73 -12.21 2.28
N ASP A 414 23.87 -11.32 1.78
CA ASP A 414 22.72 -11.76 1.01
C ASP A 414 23.17 -12.46 -0.25
N THR A 415 22.66 -13.69 -0.46
CA THR A 415 23.05 -14.48 -1.62
C THR A 415 22.39 -13.96 -2.89
N LYS A 416 21.13 -13.55 -2.79
CA LYS A 416 20.40 -13.13 -3.98
C LYS A 416 21.02 -11.85 -4.57
N ILE A 417 21.48 -10.93 -3.73
CA ILE A 417 22.06 -9.72 -4.27
C ILE A 417 23.39 -10.03 -4.94
N ILE A 418 24.14 -11.00 -4.40
CA ILE A 418 25.39 -11.41 -5.03
C ILE A 418 25.11 -11.97 -6.41
N GLN A 419 24.09 -12.83 -6.51
CA GLN A 419 23.69 -13.33 -7.81
C GLN A 419 23.30 -12.20 -8.75
N VAL A 420 22.53 -11.24 -8.24
CA VAL A 420 22.08 -10.12 -9.08
C VAL A 420 23.28 -9.33 -9.59
N ILE A 421 24.22 -9.05 -8.69
CA ILE A 421 25.37 -8.25 -9.06
C ILE A 421 26.25 -9.00 -10.06
N LEU A 422 26.46 -10.30 -9.85
CA LEU A 422 27.27 -11.07 -10.79
C LEU A 422 26.61 -11.12 -12.15
N ASP A 423 25.28 -11.23 -12.20
CA ASP A 423 24.63 -11.14 -13.50
C ASP A 423 24.88 -9.79 -14.16
N ALA A 424 24.87 -8.71 -13.37
CA ALA A 424 25.11 -7.40 -13.96
C ALA A 424 26.53 -7.29 -14.52
N ILE A 425 27.50 -7.74 -13.73
CA ILE A 425 28.90 -7.76 -14.16
C ILE A 425 29.04 -8.52 -15.48
N SER A 426 28.41 -9.69 -15.55
CA SER A 426 28.46 -10.46 -16.78
C SER A 426 27.84 -9.69 -17.94
N ASN A 427 26.67 -9.05 -17.71
CA ASN A 427 26.07 -8.23 -18.77
C ASN A 427 27.02 -7.12 -19.23
N ILE A 428 27.78 -6.56 -18.29
CA ILE A 428 28.63 -5.45 -18.68
C ILE A 428 29.81 -5.99 -19.49
N PHE A 429 30.36 -7.13 -19.07
CA PHE A 429 31.45 -7.74 -19.85
C PHE A 429 30.97 -8.11 -21.24
N GLN A 430 29.73 -8.56 -21.36
CA GLN A 430 29.19 -8.85 -22.69
C GLN A 430 29.08 -7.60 -23.54
N ALA A 431 28.83 -6.45 -22.91
CA ALA A 431 28.87 -5.23 -23.72
C ALA A 431 30.30 -4.87 -24.09
N ALA A 432 31.26 -5.12 -23.18
CA ALA A 432 32.64 -4.81 -23.47
C ALA A 432 33.19 -5.69 -24.59
N GLU A 433 32.74 -6.96 -24.64
CA GLU A 433 33.16 -7.84 -25.73
C GLU A 433 32.83 -7.26 -27.09
N LYS A 434 31.62 -6.71 -27.25
CA LYS A 434 31.26 -6.12 -28.54
C LYS A 434 32.08 -4.88 -28.87
N LEU A 435 32.90 -4.39 -27.94
CA LEU A 435 33.80 -3.29 -28.20
C LEU A 435 35.27 -3.68 -28.06
N GLY A 436 35.57 -4.94 -27.75
CA GLY A 436 36.95 -5.34 -27.56
C GLY A 436 37.61 -4.65 -26.39
N GLU A 437 36.82 -4.28 -25.37
CA GLU A 437 37.32 -3.56 -24.21
C GLU A 437 37.26 -4.40 -22.94
N THR A 438 37.05 -5.70 -23.06
CA THR A 438 37.04 -6.57 -21.89
C THR A 438 38.23 -6.32 -20.99
N GLU A 439 39.37 -5.92 -21.56
CA GLU A 439 40.59 -5.78 -20.79
C GLU A 439 40.54 -4.54 -19.91
N LYS A 440 40.12 -3.41 -20.48
CA LYS A 440 39.96 -2.18 -19.70
C LYS A 440 38.98 -2.39 -18.54
N LEU A 441 37.91 -3.14 -18.80
CA LEU A 441 36.96 -3.44 -17.73
C LEU A 441 37.60 -4.30 -16.66
N SER A 442 38.30 -5.36 -17.07
CA SER A 442 38.97 -6.22 -16.10
C SER A 442 39.89 -5.38 -15.22
N ILE A 443 40.62 -4.45 -15.83
CA ILE A 443 41.50 -3.56 -15.08
C ILE A 443 40.69 -2.74 -14.09
N MET A 444 39.59 -2.16 -14.56
CA MET A 444 38.79 -1.32 -13.68
C MET A 444 38.32 -2.11 -12.47
N ILE A 445 37.80 -3.33 -12.71
CA ILE A 445 37.32 -4.17 -11.62
C ILE A 445 38.47 -4.57 -10.71
N GLU A 446 39.70 -4.64 -11.25
CA GLU A 446 40.85 -4.98 -10.44
C GLU A 446 41.30 -3.82 -9.56
N GLU A 447 41.22 -2.59 -10.07
CA GLU A 447 41.73 -1.43 -9.35
C GLU A 447 40.91 -1.07 -8.12
N CYS A 448 39.66 -1.54 -8.02
CA CYS A 448 38.79 -1.20 -6.90
C CYS A 448 38.56 -2.37 -5.95
N GLY A 449 39.27 -3.49 -6.14
CA GLY A 449 39.16 -4.62 -5.25
C GLY A 449 38.15 -5.65 -5.65
N GLY A 450 37.54 -5.50 -6.83
CA GLY A 450 36.46 -6.39 -7.19
C GLY A 450 36.94 -7.77 -7.54
N LEU A 451 38.16 -7.88 -8.08
CA LEU A 451 38.70 -9.18 -8.41
C LEU A 451 38.87 -10.04 -7.15
N ASP A 452 39.37 -9.43 -6.07
CA ASP A 452 39.46 -10.17 -4.81
C ASP A 452 38.10 -10.71 -4.39
N LYS A 453 37.05 -9.89 -4.52
CA LYS A 453 35.73 -10.30 -4.08
C LYS A 453 35.19 -11.43 -4.96
N ILE A 454 35.44 -11.38 -6.27
CA ILE A 454 34.99 -12.46 -7.14
C ILE A 454 35.72 -13.76 -6.81
N GLU A 455 37.03 -13.68 -6.64
CA GLU A 455 37.82 -14.85 -6.25
C GLU A 455 37.23 -15.47 -4.99
N ALA A 456 37.12 -14.68 -3.92
CA ALA A 456 36.53 -15.19 -2.69
C ALA A 456 35.15 -15.79 -2.93
N LEU A 457 34.38 -15.23 -3.86
CA LEU A 457 33.06 -15.80 -4.12
C LEU A 457 33.13 -17.17 -4.76
N GLN A 458 34.25 -17.50 -5.41
CA GLN A 458 34.40 -18.89 -5.88
C GLN A 458 34.19 -19.88 -4.73
N ARG A 459 34.69 -19.55 -3.55
CA ARG A 459 34.57 -20.40 -2.36
C ARG A 459 33.27 -20.12 -1.59
N HIS A 460 32.16 -20.04 -2.30
CA HIS A 460 30.89 -19.65 -1.73
C HIS A 460 29.93 -20.83 -1.70
N GLU A 461 29.18 -20.95 -0.60
CA GLU A 461 28.30 -22.09 -0.38
C GLU A 461 27.34 -22.28 -1.54
N ASN A 462 26.79 -21.20 -2.08
CA ASN A 462 25.79 -21.33 -3.12
C ASN A 462 26.43 -21.75 -4.43
N GLU A 463 25.67 -22.52 -5.21
CA GLU A 463 26.19 -23.07 -6.45
C GLU A 463 26.25 -22.00 -7.54
N SER A 464 25.17 -21.22 -7.70
CA SER A 464 25.14 -20.21 -8.74
C SER A 464 26.25 -19.18 -8.55
N VAL A 465 26.49 -18.79 -7.30
CA VAL A 465 27.56 -17.84 -7.02
C VAL A 465 28.91 -18.41 -7.41
N TYR A 466 29.23 -19.61 -6.90
CA TYR A 466 30.48 -20.28 -7.24
C TYR A 466 30.67 -20.35 -8.76
N LYS A 467 29.64 -20.81 -9.47
CA LYS A 467 29.76 -21.00 -10.92
C LYS A 467 29.97 -19.67 -11.64
N ALA A 468 29.16 -18.65 -11.32
CA ALA A 468 29.27 -17.38 -12.00
C ALA A 468 30.62 -16.73 -11.72
N SER A 469 31.09 -16.80 -10.48
CA SER A 469 32.38 -16.19 -10.14
C SER A 469 33.52 -16.90 -10.85
N LEU A 470 33.49 -18.24 -10.84
CA LEU A 470 34.54 -18.99 -11.51
C LEU A 470 34.53 -18.73 -13.01
N ASN A 471 33.34 -18.68 -13.63
CA ASN A 471 33.27 -18.35 -15.05
C ASN A 471 33.84 -16.97 -15.32
N LEU A 472 33.48 -15.98 -14.51
CA LEU A 472 34.00 -14.63 -14.71
C LEU A 472 35.52 -14.64 -14.65
N ILE A 473 36.08 -15.28 -13.62
CA ILE A 473 37.54 -15.25 -13.45
C ILE A 473 38.22 -15.95 -14.62
N GLU A 474 37.73 -17.13 -14.98
CA GLU A 474 38.36 -17.88 -16.07
C GLU A 474 38.24 -17.14 -17.39
N LYS A 475 37.15 -16.39 -17.59
CA LYS A 475 36.91 -15.78 -18.89
C LYS A 475 37.53 -14.39 -19.03
N TYR A 476 37.77 -13.69 -17.93
CA TYR A 476 38.26 -12.30 -18.02
C TYR A 476 39.40 -11.98 -17.08
N PHE A 477 39.75 -12.87 -16.14
CA PHE A 477 40.81 -12.57 -15.18
C PHE A 477 41.83 -13.69 -15.09
N SER A 478 42.07 -14.39 -16.21
CA SER A 478 43.00 -15.50 -16.25
C SER A 478 44.15 -15.23 -17.24
N LYS B 1 10.77 -7.34 -14.25
CA LYS B 1 9.62 -6.76 -13.57
C LYS B 1 9.33 -7.54 -12.31
N ARG B 2 9.30 -6.85 -11.17
CA ARG B 2 9.11 -7.48 -9.88
C ARG B 2 7.96 -6.82 -9.13
N LYS B 3 6.85 -7.56 -8.98
CA LYS B 3 5.68 -7.14 -8.22
C LYS B 3 5.92 -7.39 -6.73
N PHE B 4 5.08 -6.80 -5.90
CA PHE B 4 5.01 -7.24 -4.51
C PHE B 4 4.45 -8.66 -4.45
N PRO B 5 4.94 -9.51 -3.53
CA PRO B 5 4.31 -10.82 -3.33
C PRO B 5 2.87 -10.69 -2.87
N ASP B 6 2.09 -11.77 -3.06
CA ASP B 6 0.72 -11.79 -2.55
C ASP B 6 0.67 -11.77 -1.03
N SER B 7 1.75 -12.18 -0.36
CA SER B 7 1.85 -12.11 1.10
C SER B 7 2.33 -10.75 1.59
N SER B 8 2.74 -9.87 0.69
CA SER B 8 3.30 -8.57 1.06
C SER B 8 2.27 -7.74 1.84
N THR B 9 2.77 -6.68 2.47
CA THR B 9 1.93 -5.73 3.19
C THR B 9 1.60 -4.56 2.28
N GLN B 10 0.29 -4.33 2.07
CA GLN B 10 -0.10 -3.20 1.23
C GLN B 10 0.05 -1.87 1.96
N ASN B 11 0.01 -1.88 3.28
CA ASN B 11 0.03 -0.63 4.05
C ASN B 11 0.44 -0.99 5.45
N SER B 12 1.47 -0.32 5.97
CA SER B 12 1.88 -0.55 7.36
C SER B 12 0.86 -0.03 8.36
N THR B 13 -0.01 0.89 7.96
CA THR B 13 -1.11 1.27 8.85
C THR B 13 -2.19 0.19 8.85
N PRO B 14 -2.64 -0.27 10.02
CA PRO B 14 -3.64 -1.33 10.05
C PRO B 14 -4.96 -0.85 9.48
N PRO B 15 -5.78 -1.80 9.03
CA PRO B 15 -7.03 -1.43 8.38
C PRO B 15 -8.12 -0.93 9.32
N LYS B 16 -8.10 -1.27 10.60
CA LYS B 16 -9.19 -0.94 11.52
C LYS B 16 -8.86 0.27 12.37
N LYS B 17 -9.90 1.01 12.77
CA LYS B 17 -9.77 2.22 13.57
C LYS B 17 -10.81 2.19 14.68
N ASN B 18 -10.37 2.40 15.91
CA ASN B 18 -11.33 2.58 16.98
C ASN B 18 -11.76 4.05 17.03
N LYS B 19 -12.95 4.29 17.58
CA LYS B 19 -13.43 5.65 17.73
C LYS B 19 -13.22 6.06 19.20
N PRO B 20 -12.20 6.85 19.50
CA PRO B 20 -11.88 7.17 20.89
C PRO B 20 -12.84 8.20 21.47
N ALA B 21 -12.88 8.22 22.80
CA ALA B 21 -13.76 9.10 23.55
C ALA B 21 -13.46 10.58 23.28
#